data_3C5R
#
_entry.id   3C5R
#
_cell.length_a   37.847
_cell.length_b   74.112
_cell.length_c   51.174
_cell.angle_alpha   90.00
_cell.angle_beta   105.23
_cell.angle_gamma   90.00
#
_symmetry.space_group_name_H-M   'P 1 21 1'
#
loop_
_entity.id
_entity.type
_entity.pdbx_description
1 polymer 'BRCA1-associated RING domain protein 1'
2 water water
#
_entity_poly.entity_id   1
_entity_poly.type   'polypeptide(L)'
_entity_poly.pdbx_seq_one_letter_code
;GIDPFTNHRGETLLHIASIKGDIPSVEYLLQNGSDPNVKDHAGWTPLHEACNHGHLKVVELLLQHKALVNTTGYQNDSPL
HDAAKNGHVDIVKLLLSYGASRNAVNIFGLRPVDYTDDESMKSLLLLPEKNESSSAS
;
_entity_poly.pdbx_strand_id   A,B
#
# COMPACT_ATOMS: atom_id res chain seq x y z
N PRO A 4 -15.85 -27.31 0.92
CA PRO A 4 -15.24 -28.57 1.36
C PRO A 4 -14.20 -29.09 0.38
N PHE A 5 -14.29 -28.63 -0.87
CA PHE A 5 -13.41 -29.05 -1.94
C PHE A 5 -12.09 -28.31 -1.85
N THR A 6 -11.04 -29.06 -1.53
CA THR A 6 -9.73 -28.45 -1.38
C THR A 6 -8.68 -29.26 -2.11
N ASN A 7 -7.55 -28.62 -2.40
CA ASN A 7 -6.36 -29.32 -2.86
C ASN A 7 -5.64 -29.98 -1.67
N HIS A 8 -4.56 -30.70 -1.95
CA HIS A 8 -3.80 -31.42 -0.91
C HIS A 8 -3.32 -30.52 0.25
N ARG A 9 -3.33 -29.20 0.06
CA ARG A 9 -2.95 -28.27 1.13
C ARG A 9 -4.16 -27.71 1.87
N GLY A 10 -5.35 -28.16 1.51
CA GLY A 10 -6.57 -27.68 2.15
C GLY A 10 -7.02 -26.32 1.66
N GLU A 11 -6.47 -25.89 0.53
CA GLU A 11 -6.82 -24.60 -0.04
C GLU A 11 -8.05 -24.71 -0.90
N THR A 12 -9.01 -23.83 -0.63
CA THR A 12 -10.20 -23.71 -1.45
C THR A 12 -9.89 -22.79 -2.62
N LEU A 13 -10.80 -22.75 -3.58
CA LEU A 13 -10.77 -21.80 -4.67
C LEU A 13 -10.66 -20.36 -4.16
N LEU A 14 -11.36 -20.07 -3.06
CA LEU A 14 -11.28 -18.76 -2.43
C LEU A 14 -9.89 -18.43 -1.93
N HIS A 15 -9.23 -19.38 -1.26
CA HIS A 15 -7.85 -19.19 -0.83
C HIS A 15 -6.99 -18.79 -2.01
N ILE A 16 -7.10 -19.60 -3.04
CA ILE A 16 -6.29 -19.47 -4.24
C ILE A 16 -6.53 -18.14 -4.94
N ALA A 17 -7.79 -17.75 -5.11
CA ALA A 17 -8.11 -16.42 -5.64
C ALA A 17 -7.65 -15.28 -4.73
N SER A 18 -7.56 -15.54 -3.42
CA SER A 18 -7.14 -14.51 -2.47
C SER A 18 -5.63 -14.32 -2.51
N ILE A 19 -4.90 -15.42 -2.64
CA ILE A 19 -3.44 -15.39 -2.87
C ILE A 19 -3.12 -14.58 -4.13
N LYS A 20 -3.86 -14.86 -5.21
CA LYS A 20 -3.62 -14.24 -6.50
C LYS A 20 -4.12 -12.80 -6.57
N GLY A 21 -5.05 -12.43 -5.69
CA GLY A 21 -5.67 -11.12 -5.76
C GLY A 21 -6.65 -11.01 -6.92
N ASP A 22 -7.27 -12.14 -7.24
CA ASP A 22 -8.18 -12.20 -8.38
C ASP A 22 -9.57 -11.70 -7.92
N ILE A 23 -9.79 -10.40 -8.09
CA ILE A 23 -11.03 -9.75 -7.61
C ILE A 23 -12.31 -10.37 -8.19
N PRO A 24 -12.42 -10.52 -9.53
CA PRO A 24 -13.65 -11.14 -10.08
C PRO A 24 -14.00 -12.49 -9.45
N SER A 25 -12.99 -13.35 -9.29
CA SER A 25 -13.16 -14.65 -8.64
C SER A 25 -13.60 -14.51 -7.18
N VAL A 26 -12.89 -13.69 -6.43
CA VAL A 26 -13.17 -13.53 -5.01
C VAL A 26 -14.60 -13.04 -4.87
N GLU A 27 -14.92 -12.03 -5.67
CA GLU A 27 -16.20 -11.36 -5.65
C GLU A 27 -17.34 -12.33 -5.94
N TYR A 28 -17.16 -13.16 -6.98
CA TYR A 28 -18.20 -14.08 -7.41
C TYR A 28 -18.42 -15.19 -6.37
N LEU A 29 -17.33 -15.75 -5.86
CA LEU A 29 -17.37 -16.78 -4.83
C LEU A 29 -18.10 -16.27 -3.59
N LEU A 30 -17.72 -15.09 -3.11
CA LEU A 30 -18.36 -14.49 -1.94
C LEU A 30 -19.83 -14.13 -2.21
N GLN A 31 -20.10 -13.60 -3.40
CA GLN A 31 -21.47 -13.30 -3.84
C GLN A 31 -22.36 -14.53 -3.88
N ASN A 32 -21.74 -15.69 -4.12
CA ASN A 32 -22.48 -16.93 -4.29
C ASN A 32 -22.47 -17.83 -3.04
N GLY A 33 -21.90 -17.31 -1.96
CA GLY A 33 -22.06 -17.96 -0.65
C GLY A 33 -20.88 -18.71 -0.04
N SER A 34 -19.69 -18.55 -0.62
N SER A 34 -19.70 -18.54 -0.63
CA SER A 34 -18.49 -19.18 -0.09
CA SER A 34 -18.50 -19.16 -0.09
C SER A 34 -18.08 -18.58 1.26
C SER A 34 -18.13 -18.56 1.28
N ASP A 35 -18.07 -19.42 2.30
CA ASP A 35 -17.71 -18.99 3.65
C ASP A 35 -16.23 -18.57 3.73
N PRO A 36 -15.94 -17.29 4.01
CA PRO A 36 -14.56 -16.83 4.01
C PRO A 36 -13.81 -17.21 5.31
N ASN A 37 -14.55 -17.80 6.25
CA ASN A 37 -13.98 -18.25 7.51
C ASN A 37 -13.64 -19.74 7.41
N VAL A 38 -12.49 -20.00 6.78
CA VAL A 38 -12.11 -21.35 6.39
C VAL A 38 -10.58 -21.41 6.40
N LYS A 39 -10.02 -22.48 6.96
CA LYS A 39 -8.58 -22.63 7.09
C LYS A 39 -8.05 -23.73 6.19
N ASP A 40 -6.88 -23.49 5.62
CA ASP A 40 -6.18 -24.56 4.89
C ASP A 40 -5.49 -25.47 5.91
N HIS A 41 -4.70 -26.44 5.45
CA HIS A 41 -4.06 -27.33 6.41
C HIS A 41 -3.12 -26.60 7.37
N ALA A 42 -2.42 -25.59 6.87
CA ALA A 42 -1.45 -24.83 7.70
C ALA A 42 -2.10 -23.88 8.73
N GLY A 43 -3.36 -23.51 8.51
CA GLY A 43 -4.04 -22.53 9.36
C GLY A 43 -4.49 -21.23 8.70
N TRP A 44 -4.06 -21.01 7.46
CA TRP A 44 -4.37 -19.79 6.72
C TRP A 44 -5.84 -19.67 6.29
N THR A 45 -6.38 -18.48 6.50
CA THR A 45 -7.68 -18.13 5.97
C THR A 45 -7.43 -17.30 4.72
N PRO A 46 -8.41 -17.22 3.81
CA PRO A 46 -8.34 -16.32 2.67
C PRO A 46 -7.98 -14.89 3.06
N LEU A 47 -8.46 -14.43 4.20
CA LEU A 47 -8.09 -13.11 4.70
C LEU A 47 -6.59 -12.98 5.01
N HIS A 48 -6.02 -13.98 5.67
CA HIS A 48 -4.58 -14.00 5.98
C HIS A 48 -3.80 -13.85 4.68
N GLU A 49 -4.21 -14.62 3.66
CA GLU A 49 -3.57 -14.61 2.36
C GLU A 49 -3.61 -13.26 1.66
N ALA A 50 -4.78 -12.62 1.62
CA ALA A 50 -4.93 -11.31 0.99
C ALA A 50 -4.12 -10.22 1.67
N CYS A 51 -4.03 -10.31 3.00
CA CYS A 51 -3.30 -9.33 3.80
C CYS A 51 -1.79 -9.47 3.57
N ASN A 52 -1.33 -10.72 3.52
CA ASN A 52 0.07 -11.06 3.30
C ASN A 52 0.52 -10.59 1.91
N HIS A 53 -0.33 -10.80 0.91
CA HIS A 53 0.03 -10.52 -0.49
C HIS A 53 -0.37 -9.11 -0.97
N GLY A 54 -0.89 -8.29 -0.07
CA GLY A 54 -1.18 -6.89 -0.34
C GLY A 54 -2.40 -6.58 -1.19
N HIS A 55 -3.38 -7.48 -1.20
CA HIS A 55 -4.56 -7.28 -2.05
C HIS A 55 -5.71 -6.54 -1.33
N LEU A 56 -5.64 -5.21 -1.31
CA LEU A 56 -6.56 -4.38 -0.53
C LEU A 56 -8.05 -4.64 -0.81
N LYS A 57 -8.44 -4.59 -2.08
CA LYS A 57 -9.83 -4.78 -2.48
C LYS A 57 -10.36 -6.17 -2.06
N VAL A 58 -9.50 -7.19 -2.21
CA VAL A 58 -9.85 -8.54 -1.80
C VAL A 58 -10.05 -8.59 -0.28
N VAL A 59 -9.13 -7.98 0.48
CA VAL A 59 -9.26 -7.84 1.94
C VAL A 59 -10.63 -7.25 2.29
N GLU A 60 -10.94 -6.12 1.66
CA GLU A 60 -12.20 -5.41 1.88
C GLU A 60 -13.45 -6.25 1.58
N LEU A 61 -13.47 -6.92 0.43
CA LEU A 61 -14.52 -7.88 0.10
C LEU A 61 -14.72 -8.95 1.16
N LEU A 62 -13.61 -9.51 1.67
CA LEU A 62 -13.66 -10.57 2.66
C LEU A 62 -14.32 -10.04 3.94
N LEU A 63 -13.86 -8.88 4.38
CA LEU A 63 -14.43 -8.21 5.56
C LEU A 63 -15.91 -7.85 5.38
N GLN A 64 -16.28 -7.36 4.20
CA GLN A 64 -17.70 -7.07 3.94
C GLN A 64 -18.55 -8.33 4.04
N HIS A 65 -17.95 -9.45 3.67
CA HIS A 65 -18.61 -10.76 3.68
C HIS A 65 -18.38 -11.56 4.97
N LYS A 66 -18.00 -10.85 6.03
CA LYS A 66 -18.01 -11.37 7.41
C LYS A 66 -16.84 -12.28 7.78
N ALA A 67 -15.71 -12.09 7.09
CA ALA A 67 -14.46 -12.72 7.49
C ALA A 67 -14.06 -12.11 8.84
N LEU A 68 -13.79 -12.98 9.81
CA LEU A 68 -13.41 -12.59 11.15
C LEU A 68 -12.04 -11.91 11.15
N VAL A 69 -12.03 -10.63 11.52
CA VAL A 69 -10.85 -9.79 11.39
C VAL A 69 -9.68 -10.27 12.27
N ASN A 70 -9.98 -10.94 13.38
CA ASN A 70 -8.98 -11.28 14.38
C ASN A 70 -8.55 -12.76 14.45
N THR A 71 -8.95 -13.55 13.45
CA THR A 71 -8.67 -14.99 13.47
C THR A 71 -7.18 -15.25 13.51
N THR A 72 -6.78 -16.18 14.37
CA THR A 72 -5.42 -16.65 14.40
C THR A 72 -5.28 -17.72 13.34
N GLY A 73 -4.19 -17.62 12.55
CA GLY A 73 -3.86 -18.59 11.52
C GLY A 73 -2.56 -19.32 11.86
N TYR A 74 -1.73 -19.57 10.84
CA TYR A 74 -0.41 -20.20 10.99
C TYR A 74 0.44 -19.47 12.03
N GLN A 75 1.05 -20.23 12.95
CA GLN A 75 1.85 -19.66 14.05
C GLN A 75 1.09 -18.64 14.90
N ASN A 76 -0.24 -18.73 14.86
CA ASN A 76 -1.20 -17.83 15.52
C ASN A 76 -1.14 -16.38 15.06
N ASP A 77 -0.61 -16.14 13.86
CA ASP A 77 -0.60 -14.81 13.29
C ASP A 77 -2.02 -14.34 12.98
N SER A 78 -2.27 -13.10 13.34
CA SER A 78 -3.50 -12.42 12.94
C SER A 78 -3.33 -11.86 11.52
N PRO A 79 -4.47 -11.57 10.84
CA PRO A 79 -4.39 -10.83 9.57
C PRO A 79 -3.55 -9.54 9.66
N LEU A 80 -3.62 -8.88 10.82
CA LEU A 80 -2.84 -7.67 11.06
C LEU A 80 -1.32 -7.95 11.06
N HIS A 81 -0.92 -9.08 11.62
CA HIS A 81 0.48 -9.52 11.53
C HIS A 81 0.95 -9.58 10.08
N ASP A 82 0.19 -10.31 9.26
CA ASP A 82 0.51 -10.48 7.83
C ASP A 82 0.65 -9.20 7.05
N ALA A 83 -0.27 -8.25 7.27
CA ALA A 83 -0.25 -6.96 6.59
C ALA A 83 0.90 -6.09 7.12
N ALA A 84 1.11 -6.10 8.44
CA ALA A 84 2.19 -5.33 9.08
C ALA A 84 3.56 -5.80 8.61
N LYS A 85 3.76 -7.11 8.73
CA LYS A 85 4.93 -7.85 8.22
C LYS A 85 5.34 -7.45 6.82
N ASN A 86 4.36 -7.38 5.92
CA ASN A 86 4.61 -7.18 4.50
C ASN A 86 4.53 -5.73 4.02
N GLY A 87 4.47 -4.82 4.99
CA GLY A 87 4.53 -3.38 4.72
C GLY A 87 3.32 -2.80 4.04
N HIS A 88 2.16 -3.40 4.26
CA HIS A 88 0.94 -2.95 3.58
C HIS A 88 0.13 -2.00 4.47
N VAL A 89 0.51 -0.72 4.43
CA VAL A 89 -0.07 0.29 5.32
C VAL A 89 -1.58 0.48 5.11
N ASP A 90 -2.00 0.52 3.85
CA ASP A 90 -3.42 0.63 3.52
C ASP A 90 -4.26 -0.46 4.18
N ILE A 91 -3.76 -1.69 4.14
CA ILE A 91 -4.46 -2.83 4.71
C ILE A 91 -4.44 -2.79 6.24
N VAL A 92 -3.36 -2.28 6.82
CA VAL A 92 -3.33 -2.13 8.27
C VAL A 92 -4.44 -1.15 8.73
N LYS A 93 -4.54 0.00 8.05
CA LYS A 93 -5.61 0.95 8.34
C LYS A 93 -7.00 0.29 8.23
N LEU A 94 -7.22 -0.50 7.17
CA LEU A 94 -8.54 -1.08 6.94
C LEU A 94 -8.88 -2.10 8.02
N LEU A 95 -7.89 -2.90 8.36
CA LEU A 95 -8.04 -3.98 9.32
C LEU A 95 -8.41 -3.37 10.66
N LEU A 96 -7.64 -2.37 11.06
CA LEU A 96 -7.90 -1.62 12.29
C LEU A 96 -9.32 -1.02 12.32
N SER A 97 -9.75 -0.40 11.20
CA SER A 97 -11.09 0.18 11.11
C SER A 97 -12.20 -0.85 11.31
N TYR A 98 -11.86 -2.13 11.19
CA TYR A 98 -12.79 -3.23 11.40
C TYR A 98 -12.60 -3.86 12.76
N GLY A 99 -11.70 -3.29 13.55
CA GLY A 99 -11.51 -3.77 14.93
C GLY A 99 -10.41 -4.80 15.13
N ALA A 100 -9.53 -4.93 14.14
CA ALA A 100 -8.33 -5.75 14.32
C ALA A 100 -7.62 -5.39 15.64
N SER A 101 -7.22 -6.42 16.39
CA SER A 101 -6.52 -6.21 17.69
C SER A 101 -5.08 -5.75 17.49
N ARG A 102 -4.83 -4.50 17.82
CA ARG A 102 -3.57 -3.84 17.54
C ARG A 102 -2.35 -4.58 18.15
N ASN A 103 -2.51 -5.10 19.37
CA ASN A 103 -1.43 -5.76 20.09
C ASN A 103 -1.65 -7.26 20.30
N ALA A 104 -2.42 -7.88 19.42
CA ALA A 104 -2.56 -9.34 19.36
C ALA A 104 -1.19 -9.99 19.25
N VAL A 105 -1.04 -11.16 19.85
CA VAL A 105 0.24 -11.86 19.81
C VAL A 105 0.11 -13.20 19.09
N ASN A 106 1.13 -13.55 18.33
CA ASN A 106 1.23 -14.90 17.79
C ASN A 106 1.89 -15.87 18.82
N ILE A 107 2.26 -17.08 18.37
CA ILE A 107 2.81 -18.08 19.30
C ILE A 107 4.16 -17.66 19.90
N PHE A 108 4.84 -16.72 19.25
CA PHE A 108 6.11 -16.23 19.76
C PHE A 108 5.92 -15.10 20.79
N GLY A 109 4.68 -14.70 21.03
CA GLY A 109 4.37 -13.59 21.94
C GLY A 109 4.66 -12.25 21.28
N LEU A 110 4.79 -12.26 19.94
CA LEU A 110 5.14 -11.06 19.20
C LEU A 110 3.92 -10.41 18.54
N ARG A 111 3.93 -9.08 18.54
CA ARG A 111 2.85 -8.23 17.98
C ARG A 111 3.15 -7.83 16.53
N PRO A 112 2.12 -7.36 15.78
CA PRO A 112 2.37 -6.93 14.40
C PRO A 112 3.50 -5.87 14.31
N VAL A 113 3.56 -4.95 15.28
CA VAL A 113 4.59 -3.90 15.30
C VAL A 113 6.00 -4.48 15.42
N ASP A 114 6.12 -5.67 16.01
CA ASP A 114 7.41 -6.35 16.17
C ASP A 114 8.00 -6.81 14.83
N TYR A 115 7.24 -6.59 13.76
CA TYR A 115 7.65 -7.06 12.43
C TYR A 115 7.90 -5.92 11.46
N THR A 116 8.03 -4.70 11.98
CA THR A 116 8.29 -3.53 11.14
C THR A 116 9.25 -2.53 11.77
N ASP A 117 10.09 -1.94 10.92
CA ASP A 117 10.86 -0.76 11.27
C ASP A 117 10.31 0.49 10.57
N ASP A 118 9.26 0.34 9.77
CA ASP A 118 8.66 1.45 9.03
C ASP A 118 7.93 2.44 9.94
N GLU A 119 8.29 3.72 9.82
CA GLU A 119 7.69 4.79 10.62
C GLU A 119 6.18 4.97 10.39
N SER A 120 5.75 4.95 9.13
CA SER A 120 4.34 5.08 8.76
C SER A 120 3.52 3.94 9.35
N MET A 121 4.14 2.77 9.43
CA MET A 121 3.49 1.55 9.93
C MET A 121 3.40 1.58 11.46
N LYS A 122 4.52 1.91 12.09
CA LYS A 122 4.60 2.08 13.55
C LYS A 122 3.65 3.14 14.09
N SER A 123 3.38 4.17 13.30
CA SER A 123 2.51 5.25 13.75
C SER A 123 1.04 4.81 13.82
N LEU A 124 0.66 3.83 12.98
CA LEU A 124 -0.69 3.27 13.06
C LEU A 124 -0.85 2.26 14.18
N LEU A 125 0.25 1.61 14.57
CA LEU A 125 0.20 0.51 15.55
C LEU A 125 0.59 0.88 16.99
N LEU A 126 1.25 2.03 17.14
CA LEU A 126 1.62 2.54 18.45
C LEU A 126 0.80 3.78 18.78
N LEU A 127 0.79 4.16 20.05
CA LEU A 127 0.15 5.41 20.45
C LEU A 127 1.12 6.60 20.26
N PRO A 128 0.59 7.78 19.92
CA PRO A 128 1.37 9.02 19.93
C PRO A 128 1.65 9.53 21.35
N PRO B 4 22.28 16.23 1.62
CA PRO B 4 23.49 15.52 2.03
C PRO B 4 23.34 14.85 3.38
N PHE B 5 22.62 15.51 4.30
CA PHE B 5 22.38 14.99 5.64
C PHE B 5 21.16 14.06 5.62
N THR B 6 21.44 12.78 5.79
CA THR B 6 20.37 11.80 5.80
C THR B 6 20.45 10.93 7.05
N ASN B 7 19.33 10.30 7.37
CA ASN B 7 19.31 9.23 8.36
C ASN B 7 19.85 7.95 7.71
N HIS B 8 19.83 6.86 8.46
CA HIS B 8 20.34 5.56 7.97
C HIS B 8 19.61 4.97 6.74
N ARG B 9 18.46 5.53 6.36
CA ARG B 9 17.78 5.07 5.16
C ARG B 9 18.01 5.96 3.94
N GLY B 10 18.84 6.99 4.10
CA GLY B 10 19.08 7.94 3.01
C GLY B 10 18.00 9.01 2.92
N GLU B 11 17.10 9.05 3.91
CA GLU B 11 15.98 9.99 3.90
C GLU B 11 16.44 11.35 4.43
N THR B 12 16.07 12.41 3.73
CA THR B 12 16.38 13.75 4.16
C THR B 12 15.15 14.29 4.86
N LEU B 13 15.29 15.45 5.49
CA LEU B 13 14.19 16.20 6.08
C LEU B 13 13.05 16.36 5.07
N LEU B 14 13.38 16.73 3.84
CA LEU B 14 12.37 16.87 2.79
C LEU B 14 11.61 15.57 2.54
N HIS B 15 12.30 14.42 2.55
CA HIS B 15 11.64 13.11 2.44
C HIS B 15 10.61 12.92 3.56
N ILE B 16 11.09 13.09 4.79
CA ILE B 16 10.28 12.90 6.01
C ILE B 16 9.02 13.76 5.97
N ALA B 17 9.22 15.04 5.68
CA ALA B 17 8.12 16.01 5.60
C ALA B 17 7.16 15.74 4.44
N SER B 18 7.66 15.17 3.34
CA SER B 18 6.83 14.81 2.20
C SER B 18 5.98 13.56 2.50
N ILE B 19 6.57 12.59 3.19
CA ILE B 19 5.82 11.47 3.77
C ILE B 19 4.72 12.05 4.68
N LYS B 20 5.08 13.06 5.48
CA LYS B 20 4.24 13.73 6.51
C LYS B 20 2.74 14.04 6.27
N GLY B 21 2.34 14.80 5.25
CA GLY B 21 3.15 15.71 4.48
C GLY B 21 2.99 17.06 5.14
N ASP B 22 4.11 17.55 5.66
CA ASP B 22 4.15 18.76 6.43
C ASP B 22 4.39 19.92 5.48
N ILE B 23 3.30 20.58 5.07
CA ILE B 23 3.33 21.70 4.14
C ILE B 23 4.30 22.84 4.56
N PRO B 24 4.16 23.37 5.79
CA PRO B 24 5.11 24.41 6.23
C PRO B 24 6.57 23.97 6.17
N SER B 25 6.88 22.72 6.53
CA SER B 25 8.25 22.22 6.45
C SER B 25 8.73 22.12 5.02
N VAL B 26 7.93 21.48 4.19
CA VAL B 26 8.23 21.27 2.78
C VAL B 26 8.44 22.62 2.11
N GLU B 27 7.47 23.53 2.28
CA GLU B 27 7.56 24.83 1.63
C GLU B 27 8.82 25.57 2.05
N TYR B 28 9.14 25.54 3.34
CA TYR B 28 10.31 26.26 3.85
C TYR B 28 11.61 25.66 3.34
N LEU B 29 11.71 24.32 3.34
CA LEU B 29 12.90 23.62 2.81
C LEU B 29 13.11 23.97 1.34
N LEU B 30 12.03 23.89 0.55
CA LEU B 30 12.08 24.26 -0.86
C LEU B 30 12.39 25.74 -1.08
N GLN B 31 11.81 26.60 -0.23
CA GLN B 31 12.01 28.04 -0.33
C GLN B 31 13.45 28.41 -0.04
N ASN B 32 14.09 27.59 0.79
CA ASN B 32 15.46 27.85 1.21
C ASN B 32 16.51 27.01 0.46
N GLY B 33 16.08 26.33 -0.59
CA GLY B 33 17.01 25.80 -1.57
C GLY B 33 17.27 24.32 -1.61
N SER B 34 16.56 23.55 -0.77
N SER B 34 16.58 23.54 -0.77
CA SER B 34 16.64 22.10 -0.81
CA SER B 34 16.77 22.09 -0.78
C SER B 34 16.24 21.59 -2.18
C SER B 34 16.22 21.50 -2.08
N ASP B 35 17.08 20.76 -2.78
CA ASP B 35 16.77 20.18 -4.08
C ASP B 35 15.80 19.01 -3.91
N PRO B 36 14.62 19.06 -4.58
CA PRO B 36 13.67 17.96 -4.49
C PRO B 36 14.10 16.69 -5.27
N ASN B 37 15.13 16.81 -6.10
CA ASN B 37 15.60 15.70 -6.92
C ASN B 37 16.69 14.89 -6.21
N VAL B 38 16.27 14.21 -5.14
CA VAL B 38 17.15 13.47 -4.26
C VAL B 38 16.50 12.13 -3.92
N LYS B 39 17.26 11.05 -4.00
CA LYS B 39 16.78 9.70 -3.71
C LYS B 39 17.27 9.20 -2.37
N ASP B 40 16.40 8.51 -1.63
CA ASP B 40 16.85 7.77 -0.46
C ASP B 40 17.57 6.49 -0.92
N HIS B 41 17.88 5.59 0.01
CA HIS B 41 18.66 4.39 -0.37
C HIS B 41 17.83 3.44 -1.21
N ALA B 42 16.53 3.38 -0.94
CA ALA B 42 15.59 2.53 -1.70
C ALA B 42 15.30 3.07 -3.10
N GLY B 43 15.49 4.39 -3.27
CA GLY B 43 15.30 5.05 -4.57
C GLY B 43 14.14 6.03 -4.63
N TRP B 44 13.46 6.21 -3.50
CA TRP B 44 12.31 7.12 -3.42
C TRP B 44 12.76 8.58 -3.39
N THR B 45 12.07 9.41 -4.16
CA THR B 45 12.18 10.85 -4.03
C THR B 45 11.03 11.38 -3.17
N PRO B 46 11.15 12.62 -2.67
CA PRO B 46 10.04 13.21 -1.95
C PRO B 46 8.77 13.27 -2.81
N LEU B 47 8.92 13.46 -4.12
CA LEU B 47 7.75 13.45 -4.98
C LEU B 47 7.04 12.09 -4.96
N HIS B 48 7.81 11.00 -5.07
CA HIS B 48 7.27 9.63 -4.99
C HIS B 48 6.50 9.49 -3.69
N GLU B 49 7.09 9.99 -2.60
CA GLU B 49 6.53 9.88 -1.27
C GLU B 49 5.23 10.66 -1.12
N ALA B 50 5.22 11.90 -1.58
CA ALA B 50 4.02 12.74 -1.53
C ALA B 50 2.88 12.18 -2.40
N CYS B 51 3.24 11.68 -3.59
CA CYS B 51 2.26 11.01 -4.47
C CYS B 51 1.65 9.75 -3.86
N ASN B 52 2.50 8.91 -3.27
CA ASN B 52 2.04 7.68 -2.60
C ASN B 52 1.07 7.93 -1.44
N HIS B 53 1.35 8.96 -0.64
CA HIS B 53 0.57 9.22 0.56
C HIS B 53 -0.56 10.21 0.33
N GLY B 54 -0.65 10.76 -0.89
CA GLY B 54 -1.76 11.59 -1.29
C GLY B 54 -1.72 13.03 -0.81
N HIS B 55 -0.51 13.58 -0.72
CA HIS B 55 -0.34 14.96 -0.25
C HIS B 55 -0.32 15.95 -1.42
N LEU B 56 -1.51 16.30 -1.89
CA LEU B 56 -1.69 17.09 -3.12
C LEU B 56 -0.90 18.42 -3.13
N LYS B 57 -1.13 19.24 -2.11
CA LYS B 57 -0.39 20.50 -1.94
C LYS B 57 1.13 20.31 -1.97
N VAL B 58 1.60 19.29 -1.26
CA VAL B 58 3.01 18.95 -1.21
C VAL B 58 3.49 18.58 -2.60
N VAL B 59 2.74 17.72 -3.29
CA VAL B 59 3.05 17.33 -4.68
C VAL B 59 3.26 18.58 -5.54
N GLU B 60 2.30 19.50 -5.48
CA GLU B 60 2.35 20.74 -6.25
C GLU B 60 3.56 21.60 -5.90
N LEU B 61 3.84 21.79 -4.63
CA LEU B 61 5.05 22.49 -4.21
C LEU B 61 6.32 21.87 -4.80
N LEU B 62 6.39 20.55 -4.81
CA LEU B 62 7.58 19.85 -5.29
C LEU B 62 7.71 20.10 -6.77
N LEU B 63 6.59 19.96 -7.49
CA LEU B 63 6.55 20.25 -8.93
C LEU B 63 6.89 21.70 -9.25
N GLN B 64 6.27 22.64 -8.55
CA GLN B 64 6.59 24.07 -8.72
C GLN B 64 8.08 24.30 -8.55
N HIS B 65 8.68 23.58 -7.58
CA HIS B 65 10.11 23.69 -7.27
C HIS B 65 11.04 22.75 -8.05
N LYS B 66 10.58 22.29 -9.20
CA LYS B 66 11.42 21.62 -10.21
C LYS B 66 11.69 20.11 -10.00
N ALA B 67 10.96 19.48 -9.07
CA ALA B 67 10.99 18.03 -8.96
C ALA B 67 10.61 17.43 -10.32
N LEU B 68 11.42 16.49 -10.80
CA LEU B 68 11.19 15.85 -12.09
C LEU B 68 9.97 14.90 -12.07
N VAL B 69 8.99 15.19 -12.90
CA VAL B 69 7.70 14.48 -12.83
C VAL B 69 7.83 13.00 -13.25
N ASN B 70 8.83 12.68 -14.07
CA ASN B 70 8.97 11.32 -14.62
C ASN B 70 10.09 10.45 -14.00
N THR B 71 10.72 10.92 -12.92
CA THR B 71 11.83 10.17 -12.30
C THR B 71 11.38 8.78 -11.86
N THR B 72 12.20 7.78 -12.19
CA THR B 72 12.03 6.43 -11.70
C THR B 72 12.64 6.29 -10.31
N GLY B 73 11.92 5.60 -9.43
CA GLY B 73 12.33 5.38 -8.05
C GLY B 73 12.46 3.89 -7.81
N TYR B 74 12.00 3.47 -6.63
CA TYR B 74 12.01 2.07 -6.23
C TYR B 74 11.18 1.23 -7.21
N GLN B 75 11.76 0.11 -7.66
CA GLN B 75 11.10 -0.76 -8.66
C GLN B 75 10.85 0.00 -9.98
N ASN B 76 11.59 1.08 -10.18
CA ASN B 76 11.40 2.01 -11.28
C ASN B 76 9.97 2.56 -11.37
N ASP B 77 9.25 2.60 -10.25
CA ASP B 77 7.95 3.27 -10.25
C ASP B 77 8.15 4.77 -10.46
N SER B 78 7.32 5.33 -11.33
CA SER B 78 7.20 6.78 -11.49
C SER B 78 6.23 7.28 -10.41
N PRO B 79 6.28 8.60 -10.10
CA PRO B 79 5.28 9.24 -9.24
C PRO B 79 3.85 8.93 -9.67
N LEU B 80 3.63 8.80 -10.98
CA LEU B 80 2.31 8.46 -11.49
C LEU B 80 1.83 7.08 -11.01
N HIS B 81 2.73 6.09 -11.01
CA HIS B 81 2.40 4.76 -10.48
C HIS B 81 1.92 4.87 -9.03
N ASP B 82 2.66 5.60 -8.21
CA ASP B 82 2.35 5.78 -6.79
C ASP B 82 0.99 6.44 -6.52
N ALA B 83 0.66 7.48 -7.29
CA ALA B 83 -0.64 8.15 -7.15
C ALA B 83 -1.79 7.25 -7.61
N ALA B 84 -1.64 6.62 -8.78
CA ALA B 84 -2.65 5.72 -9.34
C ALA B 84 -2.92 4.51 -8.43
N LYS B 85 -1.85 3.78 -8.13
CA LYS B 85 -1.82 2.69 -7.16
C LYS B 85 -2.70 2.97 -5.95
N ASN B 86 -2.56 4.16 -5.40
CA ASN B 86 -3.24 4.52 -4.16
C ASN B 86 -4.51 5.37 -4.32
N GLY B 87 -5.06 5.39 -5.54
CA GLY B 87 -6.34 6.04 -5.82
C GLY B 87 -6.39 7.56 -5.68
N HIS B 88 -5.24 8.22 -5.78
CA HIS B 88 -5.19 9.67 -5.62
C HIS B 88 -5.42 10.40 -6.96
N VAL B 89 -6.70 10.55 -7.32
CA VAL B 89 -7.09 11.05 -8.66
C VAL B 89 -6.71 12.50 -8.95
N ASP B 90 -6.78 13.36 -7.93
CA ASP B 90 -6.37 14.76 -8.08
C ASP B 90 -4.87 14.85 -8.36
N ILE B 91 -4.07 14.04 -7.67
CA ILE B 91 -2.62 14.04 -7.89
C ILE B 91 -2.27 13.46 -9.27
N VAL B 92 -2.97 12.41 -9.67
CA VAL B 92 -2.83 11.86 -11.01
C VAL B 92 -3.11 12.95 -12.05
N LYS B 93 -4.21 13.68 -11.88
CA LYS B 93 -4.51 14.82 -12.76
C LYS B 93 -3.41 15.89 -12.74
N LEU B 94 -2.88 16.23 -11.56
CA LEU B 94 -1.82 17.23 -11.49
C LEU B 94 -0.55 16.73 -12.18
N LEU B 95 -0.25 15.45 -11.98
CA LEU B 95 0.98 14.86 -12.49
C LEU B 95 0.91 14.89 -14.01
N LEU B 96 -0.18 14.40 -14.60
CA LEU B 96 -0.38 14.49 -16.06
C LEU B 96 -0.28 15.93 -16.61
N SER B 97 -0.83 16.91 -15.87
CA SER B 97 -0.78 18.31 -16.32
C SER B 97 0.65 18.84 -16.36
N TYR B 98 1.56 18.17 -15.66
CA TYR B 98 2.97 18.49 -15.63
C TYR B 98 3.79 17.60 -16.56
N GLY B 99 3.11 16.78 -17.34
CA GLY B 99 3.74 15.98 -18.38
C GLY B 99 4.12 14.57 -17.97
N ALA B 100 3.53 14.06 -16.88
CA ALA B 100 3.83 12.70 -16.45
C ALA B 100 3.55 11.72 -17.59
N SER B 101 4.45 10.75 -17.77
CA SER B 101 4.27 9.73 -18.83
C SER B 101 3.21 8.70 -18.44
N ARG B 102 2.08 8.76 -19.15
CA ARG B 102 0.91 7.94 -18.88
C ARG B 102 1.18 6.43 -18.94
N ASN B 103 2.03 6.00 -19.88
CA ASN B 103 2.32 4.59 -20.11
C ASN B 103 3.73 4.17 -19.69
N ALA B 104 4.37 4.96 -18.83
CA ALA B 104 5.64 4.58 -18.20
C ALA B 104 5.50 3.20 -17.57
N VAL B 105 6.59 2.46 -17.55
CA VAL B 105 6.59 1.10 -17.03
C VAL B 105 7.64 0.95 -15.92
N ASN B 106 7.28 0.23 -14.87
CA ASN B 106 8.26 -0.09 -13.83
C ASN B 106 9.09 -1.33 -14.23
N ILE B 107 9.87 -1.87 -13.29
CA ILE B 107 10.76 -3.01 -13.59
C ILE B 107 10.00 -4.25 -14.09
N PHE B 108 8.72 -4.34 -13.73
CA PHE B 108 7.81 -5.43 -14.12
C PHE B 108 7.13 -5.18 -15.48
N GLY B 109 7.47 -4.06 -16.10
CA GLY B 109 6.80 -3.63 -17.33
C GLY B 109 5.36 -3.21 -17.10
N LEU B 110 4.97 -3.02 -15.85
CA LEU B 110 3.59 -2.64 -15.55
C LEU B 110 3.38 -1.13 -15.55
N ARG B 111 2.23 -0.70 -16.07
CA ARG B 111 1.86 0.74 -16.15
C ARG B 111 1.06 1.22 -14.94
N PRO B 112 1.00 2.55 -14.71
CA PRO B 112 0.09 3.05 -13.68
C PRO B 112 -1.33 2.42 -13.71
N VAL B 113 -1.87 2.19 -14.91
CA VAL B 113 -3.24 1.70 -15.04
C VAL B 113 -3.39 0.25 -14.55
N ASP B 114 -2.29 -0.50 -14.63
CA ASP B 114 -2.22 -1.88 -14.13
C ASP B 114 -2.29 -1.95 -12.60
N TYR B 115 -2.33 -0.79 -11.93
CA TYR B 115 -2.44 -0.75 -10.46
C TYR B 115 -3.78 -0.22 -9.97
N THR B 116 -4.75 -0.17 -10.87
CA THR B 116 -6.09 0.33 -10.54
C THR B 116 -7.21 -0.51 -11.18
N ASP B 117 -8.33 -0.58 -10.47
CA ASP B 117 -9.56 -1.15 -11.01
C ASP B 117 -10.69 -0.11 -10.89
N ASP B 118 -10.33 1.10 -10.47
CA ASP B 118 -11.26 2.23 -10.42
C ASP B 118 -11.51 2.76 -11.83
N GLU B 119 -12.79 2.89 -12.20
CA GLU B 119 -13.16 3.38 -13.53
C GLU B 119 -12.81 4.85 -13.74
N SER B 120 -12.93 5.64 -12.66
CA SER B 120 -12.57 7.05 -12.69
C SER B 120 -11.07 7.22 -12.95
N MET B 121 -10.26 6.37 -12.30
CA MET B 121 -8.82 6.36 -12.52
C MET B 121 -8.47 5.90 -13.94
N LYS B 122 -9.14 4.85 -14.40
CA LYS B 122 -8.92 4.31 -15.76
C LYS B 122 -9.23 5.33 -16.87
N SER B 123 -10.32 6.08 -16.73
CA SER B 123 -10.67 7.11 -17.69
C SER B 123 -9.60 8.20 -17.78
N LEU B 124 -8.85 8.39 -16.70
CA LEU B 124 -7.74 9.34 -16.69
C LEU B 124 -6.48 8.79 -17.37
N LEU B 125 -6.31 7.48 -17.30
CA LEU B 125 -5.06 6.86 -17.77
C LEU B 125 -5.13 6.21 -19.15
N LEU B 126 -6.36 6.03 -19.66
CA LEU B 126 -6.60 5.43 -20.96
C LEU B 126 -7.21 6.47 -21.91
N LEU B 127 -7.19 6.18 -23.20
CA LEU B 127 -7.73 7.10 -24.20
C LEU B 127 -9.26 7.23 -24.13
#